data_6YQJ
#
_entry.id   6YQJ
#
_cell.length_a   58.272
_cell.length_b   72.662
_cell.length_c   109.372
_cell.angle_alpha   90.000
_cell.angle_beta   90.000
_cell.angle_gamma   90.000
#
_symmetry.space_group_name_H-M   'P 21 21 21'
#
loop_
_entity.id
_entity.type
_entity.pdbx_description
1 polymer 'cAMP-dependent protein kinase catalytic subunit alpha'
2 polymer 'cAMP-dependent protein kinase inhibitor alpha'
3 non-polymer 2-[isoquinolin-5-ylsulfonyl(propyl)amino]ethylazanium
4 water water
#
loop_
_entity_poly.entity_id
_entity_poly.type
_entity_poly.pdbx_seq_one_letter_code
_entity_poly.pdbx_strand_id
1 'polypeptide(L)'
;GHMGNAAAAKKG(SEP)EQESVKEFLAKAKEEFLKKWESPSQNTAQLDHFDRIKTLGTGSFGRVMLVKHKETGNHYAMKI
LDKQKVVKLKQIEHTLNEKRILQAVNFPFLVKLEFSFKDNSNLYMVMEYVPGGEMFSHLRRIGRF(SEP)EPHARFYAAQ
IVLTFEYLHSLDLIYRDLKPENLLIDQQGYIQVTDFGFAKRVKGRTW(TPO)LCGTPEYLAPEIILSKGYNKAVDWWALG
VLIYEMAAGYPPFFADQPIQIYEKIVSGKVRFPSHFSSDLKDLLRNLLQVDLTKRFGNLKNGVNDIKNHKWFATTDWIAI
YQRKVEAPFIPKFKGPGDTSNFDDYEEEEIRV(SEP)INEKCGKEFTEF
;
A
2 'polypeptide(L)' IAAGRTGRRQAIHDILVAA B
#
# COMPACT_ATOMS: atom_id res chain seq x y z
N GLY A 1 17.83 1.90 33.19
CA GLY A 1 17.09 2.35 31.98
C GLY A 1 15.81 1.55 31.76
N HIS A 2 15.15 1.74 30.61
CA HIS A 2 13.93 0.99 30.35
C HIS A 2 14.21 -0.50 30.18
N MET A 3 15.32 -0.86 29.56
CA MET A 3 15.63 -2.26 29.28
C MET A 3 16.73 -2.74 30.22
N GLY A 4 16.52 -3.91 30.82
CA GLY A 4 17.61 -4.59 31.49
C GLY A 4 18.63 -5.06 30.48
N ASN A 5 19.76 -5.53 31.03
CA ASN A 5 20.91 -5.86 30.19
C ASN A 5 20.55 -6.88 29.11
N ALA A 6 19.87 -7.96 29.50
CA ALA A 6 19.57 -9.02 28.54
C ALA A 6 18.63 -8.53 27.46
N ALA A 7 17.58 -7.79 27.85
CA ALA A 7 16.65 -7.26 26.85
C ALA A 7 17.35 -6.29 25.91
N ALA A 8 18.25 -5.45 26.44
CA ALA A 8 18.95 -4.49 25.61
C ALA A 8 19.83 -5.20 24.58
N ALA A 9 20.56 -6.23 25.00
CA ALA A 9 21.42 -6.96 24.06
C ALA A 9 20.58 -7.71 23.03
N LYS A 10 19.46 -8.29 23.44
CA LYS A 10 18.59 -8.92 22.46
C LYS A 10 18.13 -7.92 21.41
N LYS A 11 17.73 -6.72 21.82
CA LYS A 11 17.20 -5.75 20.87
C LYS A 11 18.29 -5.23 19.94
N GLY A 12 19.48 -4.99 20.46
CA GLY A 12 20.59 -4.56 19.62
C GLY A 12 20.97 -5.59 18.55
N GLU A 14 19.09 -7.76 17.41
CA GLU A 14 17.95 -7.83 16.50
C GLU A 14 18.07 -6.73 15.46
N GLN A 15 18.45 -5.54 15.91
CA GLN A 15 18.54 -4.40 14.99
C GLN A 15 19.71 -4.59 14.02
N GLU A 16 20.80 -5.20 14.46
CA GLU A 16 21.90 -5.50 13.55
C GLU A 16 21.50 -6.56 12.52
N SER A 17 20.71 -7.54 12.93
CA SER A 17 20.23 -8.54 11.96
C SER A 17 19.30 -7.91 10.93
N VAL A 18 18.52 -6.90 11.32
CA VAL A 18 17.72 -6.17 10.33
C VAL A 18 18.62 -5.54 9.28
N LYS A 19 19.71 -4.90 9.73
CA LYS A 19 20.66 -4.30 8.79
C LYS A 19 21.20 -5.33 7.82
N GLU A 20 21.57 -6.50 8.32
CA GLU A 20 22.10 -7.55 7.48
C GLU A 20 21.05 -8.03 6.48
N PHE A 21 19.81 -8.20 6.94
CA PHE A 21 18.73 -8.57 6.04
C PHE A 21 18.55 -7.54 4.95
N LEU A 22 18.51 -6.26 5.33
CA LEU A 22 18.22 -5.22 4.35
C LEU A 22 19.35 -5.07 3.34
N ALA A 23 20.60 -5.26 3.78
CA ALA A 23 21.70 -5.20 2.84
C ALA A 23 21.56 -6.27 1.78
N LYS A 24 21.20 -7.50 2.16
CA LYS A 24 21.05 -8.56 1.17
C LYS A 24 19.84 -8.30 0.27
N ALA A 25 18.75 -7.79 0.85
CA ALA A 25 17.55 -7.47 0.08
C ALA A 25 17.84 -6.42 -0.98
N LYS A 26 18.71 -5.46 -0.66
CA LYS A 26 19.06 -4.44 -1.64
C LYS A 26 19.90 -5.01 -2.77
N GLU A 27 20.84 -5.89 -2.45
CA GLU A 27 21.58 -6.63 -3.48
C GLU A 27 20.63 -7.32 -4.46
N GLU A 28 19.64 -8.02 -3.92
CA GLU A 28 18.73 -8.79 -4.77
C GLU A 28 17.86 -7.86 -5.60
N PHE A 29 17.38 -6.79 -4.98
CA PHE A 29 16.56 -5.84 -5.71
C PHE A 29 17.32 -5.22 -6.87
N LEU A 30 18.54 -4.75 -6.61
CA LEU A 30 19.28 -4.10 -7.68
C LEU A 30 19.57 -5.06 -8.82
N LYS A 31 19.87 -6.32 -8.50
CA LYS A 31 20.12 -7.27 -9.56
C LYS A 31 18.89 -7.40 -10.45
N LYS A 32 17.70 -7.49 -9.86
CA LYS A 32 16.50 -7.61 -10.68
C LYS A 32 16.17 -6.28 -11.37
N TRP A 33 16.44 -5.15 -10.71
CA TRP A 33 16.19 -3.83 -11.28
C TRP A 33 17.01 -3.62 -12.56
N GLU A 34 18.21 -4.21 -12.62
CA GLU A 34 19.11 -4.06 -13.76
C GLU A 34 18.93 -5.14 -14.81
N SER A 35 18.46 -6.33 -14.44
CA SER A 35 18.28 -7.44 -15.38
C SER A 35 16.92 -8.08 -15.14
N PRO A 36 15.83 -7.41 -15.55
CA PRO A 36 14.48 -7.94 -15.37
C PRO A 36 14.24 -9.30 -16.03
N THR A 40 5.60 -11.37 -21.15
CA THR A 40 5.69 -12.72 -20.61
C THR A 40 4.34 -13.46 -20.77
N ALA A 41 3.37 -12.88 -21.50
CA ALA A 41 2.07 -13.53 -21.74
C ALA A 41 1.28 -12.73 -22.78
N GLN A 42 0.06 -13.17 -23.06
CA GLN A 42 -0.81 -12.39 -23.94
C GLN A 42 -2.26 -12.57 -23.52
N LEU A 43 -3.12 -11.67 -24.01
CA LEU A 43 -4.49 -11.58 -23.49
C LEU A 43 -5.27 -12.86 -23.75
N ASP A 44 -5.18 -13.41 -24.98
CA ASP A 44 -6.01 -14.60 -25.18
C ASP A 44 -5.49 -15.82 -24.40
N HIS A 45 -4.49 -15.68 -23.52
CA HIS A 45 -4.11 -16.74 -22.60
C HIS A 45 -5.04 -16.84 -21.38
N PHE A 46 -5.96 -15.88 -21.20
CA PHE A 46 -6.78 -15.79 -20.01
C PHE A 46 -8.26 -15.69 -20.36
N ASP A 47 -9.10 -16.23 -19.47
CA ASP A 47 -10.53 -15.95 -19.47
C ASP A 47 -10.82 -14.85 -18.47
N ARG A 48 -11.59 -13.84 -18.89
CA ARG A 48 -12.03 -12.81 -17.98
C ARG A 48 -13.21 -13.33 -17.17
N ILE A 49 -13.17 -13.11 -15.86
CA ILE A 49 -14.20 -13.59 -14.94
C ILE A 49 -15.03 -12.44 -14.39
N LYS A 50 -14.38 -11.48 -13.73
CA LYS A 50 -15.11 -10.50 -12.95
C LYS A 50 -14.21 -9.31 -12.63
N THR A 51 -14.78 -8.12 -12.66
CA THR A 51 -14.06 -6.91 -12.23
C THR A 51 -14.02 -6.83 -10.70
N LEU A 52 -12.82 -6.74 -10.15
CA LEU A 52 -12.61 -6.68 -8.71
C LEU A 52 -12.49 -5.26 -8.18
N GLY A 53 -12.16 -4.31 -9.04
CA GLY A 53 -12.03 -2.92 -8.65
C GLY A 53 -11.79 -2.08 -9.88
N THR A 54 -12.14 -0.79 -9.77
CA THR A 54 -11.97 0.09 -10.92
C THR A 54 -11.97 1.55 -10.47
N GLY A 55 -11.07 2.33 -11.06
CA GLY A 55 -10.94 3.75 -10.79
C GLY A 55 -10.40 4.54 -11.97
N SER A 56 -10.05 5.82 -11.75
CA SER A 56 -9.64 6.67 -12.87
C SER A 56 -8.30 6.23 -13.44
N PHE A 57 -7.45 5.61 -12.62
CA PHE A 57 -6.12 5.21 -13.06
C PHE A 57 -6.02 3.72 -13.40
N GLY A 58 -7.14 3.08 -13.75
CA GLY A 58 -7.12 1.71 -14.21
C GLY A 58 -8.13 0.85 -13.49
N ARG A 59 -8.14 -0.43 -13.88
CA ARG A 59 -9.11 -1.39 -13.35
C ARG A 59 -8.44 -2.75 -13.22
N VAL A 60 -9.00 -3.58 -12.33
CA VAL A 60 -8.44 -4.90 -12.07
C VAL A 60 -9.53 -5.96 -12.22
N MET A 61 -9.20 -7.02 -12.95
CA MET A 61 -10.14 -8.09 -13.27
C MET A 61 -9.62 -9.42 -12.78
N LEU A 62 -10.50 -10.23 -12.20
CA LEU A 62 -10.18 -11.64 -12.01
C LEU A 62 -10.16 -12.33 -13.37
N VAL A 63 -9.06 -13.03 -13.64
CA VAL A 63 -8.91 -13.80 -14.86
C VAL A 63 -8.48 -15.21 -14.49
N LYS A 64 -8.67 -16.13 -15.43
CA LYS A 64 -8.28 -17.51 -15.25
C LYS A 64 -7.32 -17.85 -16.38
N HIS A 65 -6.14 -18.34 -16.01
CA HIS A 65 -5.15 -18.74 -17.00
C HIS A 65 -5.61 -20.05 -17.65
N LYS A 66 -5.68 -20.05 -18.99
CA LYS A 66 -6.28 -21.19 -19.68
C LYS A 66 -5.47 -22.46 -19.49
N GLU A 67 -4.15 -22.39 -19.67
CA GLU A 67 -3.36 -23.63 -19.65
C GLU A 67 -3.32 -24.23 -18.25
N THR A 68 -3.03 -23.42 -17.23
CA THR A 68 -2.87 -23.90 -15.86
C THR A 68 -4.16 -23.92 -15.05
N GLY A 69 -5.16 -23.13 -15.43
CA GLY A 69 -6.33 -22.97 -14.59
C GLY A 69 -6.11 -22.10 -13.36
N ASN A 70 -4.92 -21.56 -13.15
CA ASN A 70 -4.67 -20.66 -12.04
C ASN A 70 -5.42 -19.35 -12.23
N HIS A 71 -5.87 -18.78 -11.11
CA HIS A 71 -6.56 -17.51 -11.12
C HIS A 71 -5.58 -16.40 -10.78
N TYR A 72 -5.76 -15.24 -11.41
CA TYR A 72 -4.92 -14.07 -11.19
C TYR A 72 -5.77 -12.81 -11.18
N ALA A 73 -5.20 -11.73 -10.67
CA ALA A 73 -5.78 -10.39 -10.75
C ALA A 73 -5.03 -9.62 -11.83
N MET A 74 -5.73 -9.21 -12.87
CA MET A 74 -5.12 -8.54 -14.03
C MET A 74 -5.48 -7.06 -13.99
N LYS A 75 -4.48 -6.20 -13.79
CA LYS A 75 -4.66 -4.77 -13.93
C LYS A 75 -4.58 -4.39 -15.40
N ILE A 76 -5.60 -3.66 -15.88
CA ILE A 76 -5.72 -3.22 -17.28
C ILE A 76 -5.66 -1.70 -17.31
N LEU A 77 -4.71 -1.14 -18.05
CA LEU A 77 -4.57 0.30 -18.22
C LEU A 77 -4.75 0.66 -19.69
N ASP A 78 -5.53 1.72 -19.94
CA ASP A 78 -5.70 2.26 -21.27
C ASP A 78 -4.56 3.23 -21.58
N LYS A 79 -3.76 2.91 -22.61
CA LYS A 79 -2.59 3.72 -22.92
C LYS A 79 -2.95 5.18 -23.16
N GLN A 80 -3.99 5.43 -23.97
CA GLN A 80 -4.36 6.81 -24.25
C GLN A 80 -4.80 7.52 -22.97
N LYS A 81 -5.48 6.80 -22.08
CA LYS A 81 -5.91 7.40 -20.81
C LYS A 81 -4.71 7.72 -19.95
N VAL A 82 -3.70 6.86 -19.97
CA VAL A 82 -2.51 7.09 -19.16
C VAL A 82 -1.76 8.34 -19.63
N VAL A 83 -1.76 8.56 -20.96
CA VAL A 83 -1.05 9.71 -21.51
C VAL A 83 -1.77 11.01 -21.16
N LYS A 84 -3.11 11.02 -21.28
CA LYS A 84 -3.86 12.23 -20.98
C LYS A 84 -3.70 12.62 -19.51
N LEU A 85 -3.73 11.63 -18.61
CA LEU A 85 -3.59 11.89 -17.17
C LEU A 85 -2.14 12.06 -16.74
N LYS A 86 -1.17 12.06 -17.67
CA LYS A 86 0.23 12.31 -17.35
C LYS A 86 0.79 11.26 -16.39
N GLN A 87 0.41 10.00 -16.59
CA GLN A 87 0.82 8.90 -15.73
C GLN A 87 1.78 7.94 -16.41
N ILE A 88 2.42 8.37 -17.51
CA ILE A 88 3.32 7.47 -18.23
C ILE A 88 4.42 6.96 -17.30
N GLU A 89 5.21 7.87 -16.72
CA GLU A 89 6.31 7.44 -15.86
C GLU A 89 5.80 6.67 -14.66
N HIS A 90 4.64 7.05 -14.14
CA HIS A 90 4.07 6.36 -12.97
C HIS A 90 3.74 4.93 -13.31
N THR A 91 3.24 4.69 -14.52
CA THR A 91 2.89 3.34 -14.93
C THR A 91 4.14 2.52 -15.19
N LEU A 92 5.19 3.15 -15.76
CA LEU A 92 6.44 2.45 -15.94
C LEU A 92 7.09 2.13 -14.59
N ASN A 93 6.99 3.05 -13.63
CA ASN A 93 7.46 2.78 -12.27
C ASN A 93 6.73 1.58 -11.66
N GLU A 94 5.41 1.52 -11.84
CA GLU A 94 4.64 0.47 -11.18
C GLU A 94 5.10 -0.91 -11.62
N LYS A 95 5.20 -1.12 -12.93
CA LYS A 95 5.64 -2.39 -13.48
C LYS A 95 7.05 -2.73 -13.01
N ARG A 96 7.95 -1.75 -13.15
CA ARG A 96 9.36 -2.01 -12.89
C ARG A 96 9.62 -2.33 -11.42
N ILE A 97 8.99 -1.58 -10.52
CA ILE A 97 9.14 -1.84 -9.10
C ILE A 97 8.56 -3.20 -8.74
N LEU A 98 7.35 -3.49 -9.21
CA LEU A 98 6.71 -4.76 -8.85
C LEU A 98 7.53 -5.94 -9.34
N GLN A 99 8.16 -5.80 -10.51
CA GLN A 99 9.02 -6.85 -11.05
C GLN A 99 10.19 -7.16 -10.13
N ALA A 100 10.71 -6.13 -9.43
CA ALA A 100 12.00 -6.24 -8.80
C ALA A 100 11.94 -6.45 -7.29
N VAL A 101 10.80 -6.17 -6.64
CA VAL A 101 10.71 -6.32 -5.20
C VAL A 101 10.32 -7.74 -4.84
N ASN A 102 10.54 -8.07 -3.56
CA ASN A 102 10.20 -9.38 -3.04
C ASN A 102 10.08 -9.26 -1.53
N PHE A 103 8.86 -9.39 -1.03
CA PHE A 103 8.59 -9.25 0.40
C PHE A 103 7.25 -9.94 0.67
N PRO A 104 7.05 -10.53 1.86
CA PRO A 104 5.85 -11.37 2.05
C PRO A 104 4.53 -10.63 2.01
N PHE A 105 4.55 -9.31 2.17
CA PHE A 105 3.33 -8.50 2.21
C PHE A 105 3.18 -7.61 0.99
N LEU A 106 3.99 -7.83 -0.05
CA LEU A 106 3.86 -7.14 -1.34
C LEU A 106 3.29 -8.13 -2.36
N VAL A 107 2.22 -7.72 -3.05
CA VAL A 107 1.64 -8.60 -4.05
C VAL A 107 2.68 -8.93 -5.12
N LYS A 108 2.63 -10.15 -5.61
CA LYS A 108 3.60 -10.64 -6.58
C LYS A 108 3.07 -10.47 -8.00
N LEU A 109 3.90 -9.86 -8.85
CA LEU A 109 3.62 -9.78 -10.28
C LEU A 109 4.08 -11.05 -10.99
N GLU A 110 3.20 -11.60 -11.83
CA GLU A 110 3.48 -12.83 -12.56
C GLU A 110 3.75 -12.59 -14.03
N PHE A 111 3.01 -11.69 -14.68
CA PHE A 111 3.20 -11.41 -16.10
C PHE A 111 2.93 -9.93 -16.36
N SER A 112 3.53 -9.40 -17.42
CA SER A 112 3.13 -8.10 -17.91
C SER A 112 3.25 -8.12 -19.43
N PHE A 113 2.36 -7.39 -20.08
CA PHE A 113 2.38 -7.32 -21.55
C PHE A 113 1.53 -6.14 -21.99
N LYS A 114 1.51 -5.89 -23.29
CA LYS A 114 0.74 -4.79 -23.85
C LYS A 114 0.21 -5.20 -25.20
N ASP A 115 -0.77 -4.44 -25.68
CA ASP A 115 -1.27 -4.63 -27.04
C ASP A 115 -1.52 -3.25 -27.63
N ASN A 116 -2.29 -3.20 -28.70
CA ASN A 116 -2.48 -1.93 -29.40
C ASN A 116 -3.07 -0.85 -28.50
N SER A 117 -3.92 -1.23 -27.53
CA SER A 117 -4.67 -0.25 -26.75
C SER A 117 -4.29 -0.21 -25.28
N ASN A 118 -3.88 -1.32 -24.69
CA ASN A 118 -3.79 -1.41 -23.24
C ASN A 118 -2.44 -1.93 -22.77
N LEU A 119 -2.18 -1.69 -21.49
CA LEU A 119 -1.10 -2.32 -20.75
C LEU A 119 -1.73 -3.26 -19.72
N TYR A 120 -1.08 -4.41 -19.51
CA TYR A 120 -1.59 -5.44 -18.59
C TYR A 120 -0.53 -5.83 -17.59
N MET A 121 -0.94 -5.96 -16.32
CA MET A 121 -0.08 -6.45 -15.24
C MET A 121 -0.87 -7.54 -14.50
N VAL A 122 -0.36 -8.76 -14.56
CA VAL A 122 -1.04 -9.94 -14.02
C VAL A 122 -0.40 -10.29 -12.70
N MET A 123 -1.17 -10.20 -11.61
CA MET A 123 -0.69 -10.39 -10.24
C MET A 123 -1.38 -11.59 -9.60
N GLU A 124 -0.78 -12.08 -8.51
CA GLU A 124 -1.44 -13.07 -7.67
C GLU A 124 -2.82 -12.56 -7.24
N TYR A 125 -3.81 -13.45 -7.30
CA TYR A 125 -5.15 -13.12 -6.84
C TYR A 125 -5.21 -13.33 -5.33
N VAL A 126 -5.70 -12.33 -4.61
CA VAL A 126 -5.77 -12.34 -3.15
C VAL A 126 -7.25 -12.37 -2.80
N PRO A 127 -7.81 -13.52 -2.44
CA PRO A 127 -9.27 -13.67 -2.47
C PRO A 127 -10.01 -13.13 -1.27
N GLY A 128 -9.31 -12.78 -0.19
CA GLY A 128 -9.95 -12.32 1.04
C GLY A 128 -10.57 -10.94 0.98
N GLY A 129 -10.35 -10.20 -0.12
CA GLY A 129 -10.92 -8.87 -0.25
C GLY A 129 -10.08 -7.75 0.37
N GLU A 130 -10.59 -6.53 0.20
CA GLU A 130 -9.90 -5.35 0.69
C GLU A 130 -10.13 -5.20 2.19
N MET A 131 -9.09 -4.75 2.89
CA MET A 131 -9.26 -4.34 4.28
C MET A 131 -10.40 -3.35 4.42
N PHE A 132 -10.54 -2.46 3.43
CA PHE A 132 -11.57 -1.44 3.41
C PHE A 132 -12.96 -2.01 3.68
N SER A 133 -13.35 -3.04 2.91
N SER A 133 -13.34 -3.06 2.96
CA SER A 133 -14.67 -3.66 3.07
CA SER A 133 -14.71 -3.58 3.12
C SER A 133 -14.85 -4.18 4.49
C SER A 133 -14.91 -4.26 4.47
N HIS A 134 -13.90 -4.96 4.97
CA HIS A 134 -14.01 -5.57 6.29
C HIS A 134 -14.09 -4.49 7.39
N LEU A 135 -13.32 -3.41 7.23
CA LEU A 135 -13.35 -2.32 8.19
C LEU A 135 -14.68 -1.59 8.18
N ARG A 136 -15.19 -1.26 6.99
CA ARG A 136 -16.49 -0.58 6.94
C ARG A 136 -17.62 -1.45 7.47
N ARG A 137 -17.51 -2.78 7.28
CA ARG A 137 -18.57 -3.68 7.73
C ARG A 137 -18.57 -3.81 9.24
N ILE A 138 -17.39 -4.03 9.84
CA ILE A 138 -17.32 -4.19 11.29
C ILE A 138 -17.33 -2.86 12.05
N GLY A 139 -17.02 -1.76 11.37
CA GLY A 139 -16.97 -0.46 12.02
C GLY A 139 -15.56 -0.01 12.33
N ARG A 140 -14.96 -0.63 13.32
N ARG A 140 -14.95 -0.65 13.30
CA ARG A 140 -13.58 -0.38 13.70
CA ARG A 140 -13.58 -0.36 13.69
C ARG A 140 -12.94 -1.69 14.11
C ARG A 140 -12.93 -1.64 14.22
N PHE A 141 -11.61 -1.71 14.08
CA PHE A 141 -10.82 -2.83 14.59
C PHE A 141 -10.40 -2.53 16.03
N GLU A 143 -7.71 -2.52 19.13
CA GLU A 143 -6.32 -2.14 19.00
C GLU A 143 -5.37 -3.34 18.65
N PRO A 144 -5.56 -4.53 19.24
CA PRO A 144 -4.69 -5.66 18.84
C PRO A 144 -4.84 -6.04 17.37
N HIS A 145 -6.07 -5.99 16.86
CA HIS A 145 -6.36 -6.29 15.47
C HIS A 145 -5.70 -5.26 14.54
N ALA A 146 -5.89 -3.96 14.85
CA ALA A 146 -5.22 -2.90 14.09
C ALA A 146 -3.70 -3.04 14.17
N ARG A 147 -3.18 -3.39 15.35
CA ARG A 147 -1.74 -3.51 15.55
C ARG A 147 -1.14 -4.61 14.67
N PHE A 148 -1.83 -5.75 14.56
CA PHE A 148 -1.39 -6.83 13.70
C PHE A 148 -1.19 -6.36 12.26
N TYR A 149 -2.15 -5.60 11.72
CA TYR A 149 -1.99 -5.09 10.38
C TYR A 149 -0.93 -4.01 10.33
N ALA A 150 -0.92 -3.10 11.31
CA ALA A 150 0.04 -2.01 11.30
C ALA A 150 1.47 -2.54 11.26
N ALA A 151 1.73 -3.63 11.98
CA ALA A 151 3.09 -4.14 12.07
C ALA A 151 3.58 -4.56 10.70
N GLN A 152 2.69 -5.16 9.90
CA GLN A 152 3.04 -5.58 8.56
C GLN A 152 3.39 -4.39 7.68
N ILE A 153 2.66 -3.28 7.85
CA ILE A 153 2.96 -2.10 7.06
C ILE A 153 4.29 -1.50 7.50
N VAL A 154 4.56 -1.46 8.80
CA VAL A 154 5.85 -0.97 9.28
C VAL A 154 6.99 -1.76 8.64
N LEU A 155 6.89 -3.08 8.62
CA LEU A 155 7.96 -3.89 8.03
C LEU A 155 8.08 -3.66 6.53
N THR A 156 6.95 -3.52 5.86
CA THR A 156 6.95 -3.31 4.43
C THR A 156 7.59 -1.98 4.08
N PHE A 157 7.26 -0.91 4.81
CA PHE A 157 7.89 0.39 4.58
C PHE A 157 9.36 0.37 4.97
N GLU A 158 9.74 -0.37 6.01
CA GLU A 158 11.16 -0.51 6.31
C GLU A 158 11.91 -1.11 5.12
N TYR A 159 11.32 -2.15 4.53
CA TYR A 159 11.88 -2.78 3.34
C TYR A 159 11.91 -1.82 2.16
N LEU A 160 10.77 -1.20 1.83
CA LEU A 160 10.71 -0.36 0.63
C LEU A 160 11.64 0.83 0.75
N HIS A 161 11.60 1.51 1.90
CA HIS A 161 12.42 2.70 2.07
C HIS A 161 13.90 2.38 2.06
N SER A 162 14.30 1.16 2.48
CA SER A 162 15.72 0.82 2.46
C SER A 162 16.22 0.73 1.03
N LEU A 163 15.32 0.45 0.09
CA LEU A 163 15.58 0.36 -1.34
C LEU A 163 15.39 1.70 -2.04
N ASP A 164 15.17 2.77 -1.27
CA ASP A 164 14.86 4.12 -1.74
C ASP A 164 13.56 4.17 -2.53
N LEU A 165 12.59 3.33 -2.18
CA LEU A 165 11.27 3.32 -2.77
C LEU A 165 10.27 3.97 -1.82
N ILE A 166 9.52 4.93 -2.34
N ILE A 166 9.48 4.91 -2.34
CA ILE A 166 8.40 5.53 -1.63
CA ILE A 166 8.39 5.52 -1.59
C ILE A 166 7.13 4.90 -2.19
C ILE A 166 7.08 5.05 -2.20
N TYR A 167 6.12 4.70 -1.34
CA TYR A 167 4.91 4.01 -1.78
C TYR A 167 3.82 4.99 -2.23
N ARG A 168 3.46 5.95 -1.38
CA ARG A 168 2.65 7.11 -1.71
C ARG A 168 1.18 6.81 -1.95
N ASP A 169 0.66 5.64 -1.60
CA ASP A 169 -0.80 5.50 -1.64
C ASP A 169 -1.33 4.53 -0.60
N LEU A 170 -0.81 4.60 0.62
CA LEU A 170 -1.35 3.75 1.68
C LEU A 170 -2.80 4.13 1.99
N LYS A 171 -3.67 3.11 2.04
CA LYS A 171 -5.07 3.27 2.42
C LYS A 171 -5.68 1.88 2.48
N PRO A 172 -6.75 1.68 3.26
CA PRO A 172 -7.34 0.34 3.38
C PRO A 172 -7.80 -0.23 2.06
N GLU A 173 -8.16 0.61 1.09
CA GLU A 173 -8.58 0.15 -0.23
C GLU A 173 -7.49 -0.64 -0.94
N ASN A 174 -6.23 -0.37 -0.62
CA ASN A 174 -5.08 -0.94 -1.30
C ASN A 174 -4.46 -2.09 -0.53
N LEU A 175 -5.08 -2.49 0.56
CA LEU A 175 -4.55 -3.56 1.40
C LEU A 175 -5.50 -4.75 1.30
N LEU A 176 -5.03 -5.82 0.66
N LEU A 176 -5.03 -5.85 0.73
CA LEU A 176 -5.84 -7.02 0.53
CA LEU A 176 -5.89 -7.01 0.58
C LEU A 176 -5.52 -8.00 1.66
C LEU A 176 -5.49 -8.12 1.53
N ILE A 177 -6.49 -8.85 2.00
CA ILE A 177 -6.35 -9.84 3.06
C ILE A 177 -6.21 -11.21 2.42
N ASP A 178 -5.12 -11.92 2.72
CA ASP A 178 -4.87 -13.19 2.07
C ASP A 178 -5.51 -14.33 2.88
N GLN A 179 -5.34 -15.56 2.39
CA GLN A 179 -6.05 -16.69 2.96
C GLN A 179 -5.63 -16.98 4.38
N GLN A 180 -4.46 -16.48 4.82
CA GLN A 180 -4.00 -16.67 6.19
C GLN A 180 -4.30 -15.45 7.06
N GLY A 181 -4.97 -14.45 6.50
CA GLY A 181 -5.31 -13.26 7.26
C GLY A 181 -4.24 -12.18 7.25
N TYR A 182 -3.18 -12.34 6.46
CA TYR A 182 -2.13 -11.35 6.37
C TYR A 182 -2.37 -10.39 5.20
N ILE A 183 -1.66 -9.24 5.22
CA ILE A 183 -1.84 -8.17 4.24
C ILE A 183 -1.02 -8.41 2.98
N GLN A 184 -1.61 -8.06 1.84
CA GLN A 184 -0.90 -7.90 0.59
C GLN A 184 -1.12 -6.48 0.10
N VAL A 185 -0.03 -5.72 -0.01
CA VAL A 185 -0.11 -4.35 -0.51
C VAL A 185 -0.20 -4.42 -2.02
N THR A 186 -1.16 -3.69 -2.57
CA THR A 186 -1.40 -3.61 -4.01
C THR A 186 -1.35 -2.15 -4.46
N ASP A 187 -1.36 -1.98 -5.78
N ASP A 187 -1.41 -1.98 -5.76
CA ASP A 187 -1.44 -0.70 -6.48
CA ASP A 187 -1.41 -0.67 -6.40
C ASP A 187 -0.21 0.17 -6.23
C ASP A 187 -0.13 0.09 -6.12
N PHE A 188 0.85 -0.10 -7.00
CA PHE A 188 2.11 0.64 -6.94
C PHE A 188 2.17 1.76 -7.96
N GLY A 189 1.01 2.27 -8.39
CA GLY A 189 0.99 3.29 -9.41
C GLY A 189 1.63 4.61 -9.01
N PHE A 190 1.80 4.88 -7.73
CA PHE A 190 2.53 6.07 -7.31
C PHE A 190 3.89 5.75 -6.70
N ALA A 191 4.28 4.48 -6.65
CA ALA A 191 5.58 4.13 -6.11
C ALA A 191 6.70 4.65 -7.00
N LYS A 192 7.80 5.05 -6.36
CA LYS A 192 8.87 5.71 -7.08
C LYS A 192 10.18 5.51 -6.35
N ARG A 193 11.24 5.35 -7.11
CA ARG A 193 12.57 5.30 -6.56
C ARG A 193 13.04 6.74 -6.36
N VAL A 194 13.28 7.10 -5.09
CA VAL A 194 13.54 8.47 -4.67
C VAL A 194 14.67 8.43 -3.65
N LYS A 195 15.81 9.02 -3.99
CA LYS A 195 16.90 9.07 -3.03
C LYS A 195 16.64 10.08 -1.92
N GLY A 196 16.07 11.23 -2.26
CA GLY A 196 15.92 12.34 -1.34
C GLY A 196 14.53 12.94 -1.46
N ARG A 197 14.42 14.03 -2.21
CA ARG A 197 13.17 14.76 -2.41
C ARG A 197 12.50 14.36 -3.72
N THR A 198 11.17 14.47 -3.74
CA THR A 198 10.42 14.41 -4.99
C THR A 198 9.28 15.42 -4.87
N TRP A 199 8.63 15.75 -6.00
CA TRP A 199 7.70 16.89 -6.01
C TRP A 199 6.26 16.63 -6.52
N LEU A 201 2.48 16.07 -6.98
CA LEU A 201 1.25 16.12 -6.18
C LEU A 201 0.42 14.87 -6.50
N CYS A 202 0.50 13.87 -5.62
CA CYS A 202 -0.25 12.64 -5.85
C CYS A 202 -0.48 11.94 -4.52
N GLY A 203 -1.47 11.05 -4.52
CA GLY A 203 -1.89 10.24 -3.40
C GLY A 203 -3.39 10.31 -3.26
N THR A 204 -3.88 10.05 -2.06
CA THR A 204 -5.32 10.09 -1.82
C THR A 204 -5.59 11.11 -0.73
N PRO A 205 -6.55 12.03 -0.92
CA PRO A 205 -6.62 13.22 -0.04
C PRO A 205 -6.49 12.97 1.45
N GLU A 206 -7.31 12.07 1.99
CA GLU A 206 -7.32 11.84 3.43
C GLU A 206 -5.98 11.37 3.96
N TYR A 207 -5.13 10.80 3.11
CA TYR A 207 -3.85 10.22 3.52
C TYR A 207 -2.64 11.10 3.21
N LEU A 208 -2.84 12.27 2.58
CA LEU A 208 -1.73 13.15 2.20
C LEU A 208 -1.09 13.85 3.41
N ALA A 209 0.23 13.78 3.48
CA ALA A 209 0.97 14.57 4.45
C ALA A 209 0.88 16.06 4.14
N PRO A 210 1.00 16.91 5.15
CA PRO A 210 0.83 18.36 4.89
C PRO A 210 1.83 18.89 3.88
N GLU A 211 3.06 18.37 3.89
CA GLU A 211 4.08 18.88 2.97
C GLU A 211 3.74 18.57 1.52
N ILE A 212 2.96 17.52 1.26
CA ILE A 212 2.49 17.32 -0.11
C ILE A 212 1.49 18.40 -0.48
N ILE A 213 0.49 18.60 0.38
CA ILE A 213 -0.53 19.61 0.11
C ILE A 213 0.08 20.98 -0.08
N LEU A 214 1.15 21.28 0.63
CA LEU A 214 1.79 22.58 0.58
C LEU A 214 2.84 22.68 -0.54
N SER A 215 2.87 21.70 -1.44
CA SER A 215 3.73 21.74 -2.65
C SER A 215 5.20 21.88 -2.30
N LYS A 216 5.63 21.20 -1.25
CA LYS A 216 7.05 21.14 -0.92
C LYS A 216 7.70 19.96 -1.65
N GLY A 217 9.02 20.02 -1.78
CA GLY A 217 9.77 18.83 -2.17
C GLY A 217 9.90 17.90 -0.97
N TYR A 218 9.15 16.82 -0.99
CA TYR A 218 8.99 15.97 0.19
C TYR A 218 9.76 14.68 0.04
N ASN A 219 9.78 13.89 1.11
CA ASN A 219 10.57 12.66 1.12
C ASN A 219 9.76 11.48 1.62
N LYS A 220 10.44 10.36 1.89
CA LYS A 220 9.77 9.12 2.27
C LYS A 220 8.96 9.25 3.56
N ALA A 221 9.17 10.28 4.35
CA ALA A 221 8.37 10.43 5.58
C ALA A 221 6.89 10.67 5.32
N VAL A 222 6.49 10.97 4.08
CA VAL A 222 5.07 11.05 3.80
C VAL A 222 4.40 9.69 4.01
N ASP A 223 5.13 8.59 3.80
CA ASP A 223 4.60 7.26 4.04
C ASP A 223 4.35 7.03 5.53
N TRP A 224 5.21 7.57 6.41
CA TRP A 224 5.01 7.39 7.84
C TRP A 224 3.83 8.21 8.34
N TRP A 225 3.65 9.43 7.81
CA TRP A 225 2.42 10.16 8.07
C TRP A 225 1.21 9.32 7.66
N ALA A 226 1.23 8.77 6.46
CA ALA A 226 0.09 7.96 6.00
C ALA A 226 -0.14 6.75 6.89
N LEU A 227 0.93 6.15 7.44
CA LEU A 227 0.73 5.09 8.41
C LEU A 227 -0.08 5.58 9.61
N GLY A 228 0.24 6.78 10.11
CA GLY A 228 -0.55 7.31 11.21
C GLY A 228 -2.02 7.43 10.85
N VAL A 229 -2.31 7.88 9.61
CA VAL A 229 -3.70 7.97 9.16
C VAL A 229 -4.34 6.60 9.14
N LEU A 230 -3.62 5.60 8.61
CA LEU A 230 -4.15 4.24 8.53
C LEU A 230 -4.44 3.67 9.91
N ILE A 231 -3.49 3.82 10.84
CA ILE A 231 -3.70 3.24 12.17
C ILE A 231 -4.89 3.91 12.84
N TYR A 232 -4.97 5.25 12.74
CA TYR A 232 -6.13 5.96 13.26
C TYR A 232 -7.43 5.43 12.65
N GLU A 233 -7.48 5.29 11.33
CA GLU A 233 -8.73 4.86 10.70
C GLU A 233 -9.07 3.43 11.09
N MET A 234 -8.09 2.53 11.11
CA MET A 234 -8.37 1.16 11.56
C MET A 234 -8.97 1.14 12.96
N ALA A 235 -8.43 1.94 13.87
CA ALA A 235 -8.84 1.88 15.27
C ALA A 235 -10.07 2.72 15.59
N ALA A 236 -10.35 3.76 14.79
CA ALA A 236 -11.51 4.62 14.97
C ALA A 236 -12.69 4.25 14.08
N GLY A 237 -12.42 3.76 12.87
CA GLY A 237 -13.40 3.51 11.84
C GLY A 237 -13.56 4.63 10.84
N TYR A 238 -12.85 5.72 11.04
CA TYR A 238 -12.85 6.88 10.18
C TYR A 238 -11.49 7.56 10.33
N PRO A 239 -11.05 8.32 9.34
CA PRO A 239 -9.71 8.88 9.40
C PRO A 239 -9.68 10.18 10.20
N PRO A 240 -8.48 10.66 10.54
CA PRO A 240 -8.36 11.82 11.45
C PRO A 240 -8.74 13.15 10.84
N PHE A 241 -8.69 13.26 9.50
CA PHE A 241 -9.03 14.48 8.78
C PHE A 241 -10.10 14.10 7.78
N PHE A 242 -11.34 14.42 8.15
CA PHE A 242 -12.55 13.78 7.63
C PHE A 242 -13.51 14.88 7.21
N ALA A 243 -13.84 14.95 5.92
CA ALA A 243 -14.70 15.98 5.38
C ALA A 243 -15.22 15.56 4.01
N ASP A 244 -16.27 16.24 3.57
CA ASP A 244 -16.97 15.76 2.37
C ASP A 244 -16.18 16.01 1.10
N GLN A 245 -15.37 17.06 1.05
CA GLN A 245 -14.66 17.40 -0.18
C GLN A 245 -13.16 17.56 0.06
N PRO A 246 -12.33 17.24 -0.95
CA PRO A 246 -10.87 17.36 -0.77
C PRO A 246 -10.38 18.71 -0.24
N ILE A 247 -10.88 19.86 -0.73
CA ILE A 247 -10.37 21.14 -0.24
C ILE A 247 -10.55 21.25 1.27
N GLN A 248 -11.66 20.76 1.79
CA GLN A 248 -11.88 20.84 3.23
C GLN A 248 -11.01 19.83 3.98
N ILE A 249 -10.77 18.67 3.37
CA ILE A 249 -9.86 17.67 3.94
C ILE A 249 -8.47 18.26 4.08
N TYR A 250 -7.99 18.93 3.02
CA TYR A 250 -6.67 19.54 3.02
C TYR A 250 -6.56 20.58 4.12
N GLU A 251 -7.58 21.43 4.28
CA GLU A 251 -7.55 22.44 5.33
C GLU A 251 -7.31 21.81 6.70
N LYS A 252 -7.98 20.69 6.98
CA LYS A 252 -7.83 20.03 8.28
C LYS A 252 -6.44 19.42 8.43
N ILE A 253 -5.91 18.84 7.36
CA ILE A 253 -4.57 18.26 7.44
C ILE A 253 -3.56 19.34 7.79
N VAL A 254 -3.63 20.48 7.12
CA VAL A 254 -2.62 21.52 7.29
C VAL A 254 -2.71 22.16 8.67
N SER A 255 -3.93 22.34 9.19
CA SER A 255 -4.04 22.78 10.57
C SER A 255 -3.37 21.79 11.49
N GLY A 256 -3.61 20.50 11.26
CA GLY A 256 -2.92 19.42 11.93
C GLY A 256 -3.45 19.05 13.29
N LYS A 257 -4.56 19.65 13.74
CA LYS A 257 -5.07 19.40 15.09
C LYS A 257 -5.88 18.10 15.08
N VAL A 258 -5.32 17.04 15.66
CA VAL A 258 -5.98 15.75 15.65
C VAL A 258 -6.73 15.57 16.95
N ARG A 259 -7.94 15.04 16.85
CA ARG A 259 -8.73 14.68 18.01
C ARG A 259 -8.95 13.17 17.99
N PHE A 260 -8.96 12.57 19.17
CA PHE A 260 -8.99 11.11 19.26
C PHE A 260 -10.25 10.60 19.95
N PRO A 261 -10.80 9.48 19.50
CA PRO A 261 -11.91 8.86 20.24
C PRO A 261 -11.52 8.55 21.66
N SER A 262 -12.50 8.61 22.57
CA SER A 262 -12.21 8.38 23.97
C SER A 262 -11.77 6.96 24.25
N HIS A 263 -12.06 6.01 23.36
CA HIS A 263 -11.62 4.64 23.59
C HIS A 263 -10.18 4.39 23.13
N PHE A 264 -9.51 5.36 22.51
CA PHE A 264 -8.09 5.18 22.18
C PHE A 264 -7.24 5.12 23.46
N SER A 265 -6.35 4.15 23.51
CA SER A 265 -5.40 4.06 24.60
C SER A 265 -4.38 5.21 24.54
N SER A 266 -3.82 5.52 25.69
CA SER A 266 -2.78 6.54 25.76
C SER A 266 -1.59 6.16 24.90
N ASP A 267 -1.22 4.88 24.88
CA ASP A 267 -0.10 4.46 24.05
C ASP A 267 -0.40 4.72 22.58
N LEU A 268 -1.62 4.43 22.14
CA LEU A 268 -1.99 4.67 20.75
C LEU A 268 -1.94 6.14 20.42
N LYS A 269 -2.50 6.98 21.29
CA LYS A 269 -2.52 8.42 21.02
C LYS A 269 -1.09 8.96 20.93
N ASP A 270 -0.18 8.48 21.79
CA ASP A 270 1.19 8.94 21.72
C ASP A 270 1.85 8.55 20.40
N LEU A 271 1.67 7.30 19.98
CA LEU A 271 2.21 6.89 18.69
C LEU A 271 1.65 7.78 17.57
N LEU A 272 0.33 8.01 17.58
CA LEU A 272 -0.28 8.75 16.48
C LEU A 272 0.14 10.22 16.48
N ARG A 273 0.33 10.84 17.65
CA ARG A 273 0.82 12.21 17.67
C ARG A 273 2.23 12.33 17.08
N ASN A 274 3.01 11.26 17.17
CA ASN A 274 4.37 11.28 16.66
C ASN A 274 4.46 10.90 15.19
N LEU A 275 3.45 10.20 14.64
CA LEU A 275 3.35 9.96 13.21
C LEU A 275 2.66 11.12 12.49
N LEU A 276 1.55 11.58 13.05
CA LEU A 276 0.78 12.69 12.49
C LEU A 276 1.37 14.01 12.96
N GLN A 277 2.65 14.13 12.74
CA GLN A 277 3.45 15.28 13.18
C GLN A 277 3.82 16.14 11.97
N VAL A 278 3.35 17.39 11.99
CA VAL A 278 3.64 18.32 10.90
C VAL A 278 5.15 18.60 10.79
N ASP A 279 5.84 18.71 11.93
CA ASP A 279 7.25 19.11 11.96
C ASP A 279 8.12 17.89 11.60
N LEU A 280 8.74 17.94 10.43
CA LEU A 280 9.52 16.80 9.97
C LEU A 280 10.71 16.49 10.86
N THR A 281 11.17 17.46 11.67
CA THR A 281 12.28 17.17 12.59
C THR A 281 11.83 16.35 13.78
N LYS A 282 10.53 16.12 13.91
CA LYS A 282 9.95 15.42 15.05
C LYS A 282 9.14 14.19 14.63
N ARG A 283 8.89 13.99 13.34
CA ARG A 283 8.01 12.91 12.91
C ARG A 283 8.74 11.57 12.99
N PHE A 284 8.12 10.60 13.67
CA PHE A 284 8.66 9.26 13.74
C PHE A 284 8.83 8.66 12.35
N GLY A 285 9.92 7.92 12.17
CA GLY A 285 10.32 7.43 10.88
C GLY A 285 11.22 8.38 10.14
N ASN A 286 11.35 9.62 10.61
CA ASN A 286 12.19 10.62 9.98
C ASN A 286 13.31 11.08 10.91
N LEU A 287 13.60 10.34 11.98
CA LEU A 287 14.62 10.80 12.93
C LEU A 287 15.87 9.94 12.85
N LYS A 288 16.86 10.31 13.69
CA LYS A 288 18.14 9.62 13.72
C LYS A 288 17.96 8.13 13.97
N ASN A 289 16.99 7.78 14.82
CA ASN A 289 16.74 6.39 15.21
C ASN A 289 15.86 5.67 14.18
N GLY A 290 15.41 6.37 13.15
CA GLY A 290 14.78 5.73 12.01
C GLY A 290 13.53 4.96 12.37
N VAL A 291 13.39 3.77 11.78
CA VAL A 291 12.17 2.99 11.97
C VAL A 291 12.09 2.45 13.40
N ASN A 292 13.20 2.42 14.12
CA ASN A 292 13.19 1.91 15.47
C ASN A 292 12.36 2.77 16.42
N ASP A 293 12.18 4.07 16.14
CA ASP A 293 11.30 4.86 17.00
C ASP A 293 9.88 4.30 16.96
N ILE A 294 9.50 3.72 15.81
CA ILE A 294 8.19 3.12 15.68
C ILE A 294 8.18 1.73 16.28
N LYS A 295 9.14 0.88 15.86
CA LYS A 295 9.10 -0.52 16.27
C LYS A 295 9.27 -0.67 17.77
N ASN A 296 9.95 0.27 18.42
CA ASN A 296 10.20 0.19 19.86
C ASN A 296 9.21 1.01 20.68
N HIS A 297 8.20 1.60 20.04
CA HIS A 297 7.17 2.33 20.75
C HIS A 297 6.35 1.40 21.64
N LYS A 298 5.87 1.95 22.76
CA LYS A 298 5.07 1.17 23.71
C LYS A 298 3.87 0.49 23.07
N TRP A 299 3.23 1.14 22.08
CA TRP A 299 2.04 0.54 21.51
C TRP A 299 2.37 -0.77 20.80
N PHE A 300 3.63 -0.95 20.38
CA PHE A 300 4.06 -2.17 19.74
C PHE A 300 4.83 -3.11 20.67
N ALA A 301 4.79 -2.89 21.98
CA ALA A 301 5.60 -3.68 22.90
C ALA A 301 5.27 -5.18 22.85
N THR A 302 4.02 -5.54 22.51
CA THR A 302 3.65 -6.95 22.40
C THR A 302 3.91 -7.53 21.02
N THR A 303 4.46 -6.74 20.11
CA THR A 303 4.66 -7.23 18.74
C THR A 303 5.97 -7.96 18.63
N ASP A 304 5.90 -9.21 18.14
CA ASP A 304 7.07 -10.01 17.82
C ASP A 304 7.35 -9.79 16.34
N TRP A 305 8.28 -8.87 16.05
CA TRP A 305 8.49 -8.44 14.66
C TRP A 305 8.93 -9.59 13.77
N ILE A 306 9.80 -10.46 14.27
CA ILE A 306 10.24 -11.61 13.46
C ILE A 306 9.08 -12.54 13.20
N ALA A 307 8.24 -12.77 14.22
CA ALA A 307 7.12 -13.70 14.05
C ALA A 307 6.12 -13.15 13.03
N ILE A 308 5.92 -11.83 13.02
CA ILE A 308 5.08 -11.22 11.98
C ILE A 308 5.67 -11.47 10.60
N TYR A 309 6.96 -11.15 10.42
CA TYR A 309 7.64 -11.38 9.15
C TYR A 309 7.52 -12.83 8.71
N GLN A 310 7.66 -13.77 9.64
CA GLN A 310 7.57 -15.19 9.33
C GLN A 310 6.14 -15.69 9.18
N ARG A 311 5.16 -14.82 9.45
CA ARG A 311 3.74 -15.16 9.32
C ARG A 311 3.36 -16.28 10.28
N LYS A 312 3.97 -16.26 11.46
CA LYS A 312 3.70 -17.27 12.48
C LYS A 312 2.75 -16.76 13.57
N VAL A 313 2.35 -15.50 13.53
CA VAL A 313 1.35 -14.98 14.45
C VAL A 313 -0.04 -15.36 13.95
N GLU A 314 -0.89 -15.85 14.84
CA GLU A 314 -2.26 -16.17 14.43
C GLU A 314 -3.01 -14.90 14.08
N ALA A 315 -3.57 -14.87 12.88
CA ALA A 315 -4.25 -13.68 12.41
C ALA A 315 -5.57 -13.47 13.17
N PRO A 316 -5.98 -12.22 13.36
CA PRO A 316 -7.24 -11.95 14.07
C PRO A 316 -8.47 -12.28 13.25
N PHE A 317 -8.33 -12.44 11.95
CA PHE A 317 -9.45 -12.67 11.05
C PHE A 317 -8.95 -13.47 9.85
N ILE A 318 -9.62 -14.58 9.56
CA ILE A 318 -9.33 -15.44 8.41
C ILE A 318 -10.52 -15.35 7.46
N PRO A 319 -10.38 -14.77 6.27
CA PRO A 319 -11.55 -14.66 5.39
C PRO A 319 -12.09 -16.04 5.06
N LYS A 320 -13.40 -16.11 4.84
CA LYS A 320 -13.96 -17.35 4.32
C LYS A 320 -13.55 -17.49 2.86
N PHE A 321 -13.09 -18.69 2.50
CA PHE A 321 -12.62 -18.96 1.14
C PHE A 321 -13.46 -20.11 0.61
N LYS A 322 -14.25 -19.81 -0.42
CA LYS A 322 -15.21 -20.73 -0.99
C LYS A 322 -14.71 -21.38 -2.27
N GLY A 323 -13.41 -21.30 -2.56
CA GLY A 323 -12.84 -21.91 -3.74
C GLY A 323 -11.84 -21.01 -4.45
N PRO A 324 -11.10 -21.57 -5.41
CA PRO A 324 -9.96 -20.82 -5.98
C PRO A 324 -10.35 -19.55 -6.75
N GLY A 325 -11.49 -19.53 -7.44
CA GLY A 325 -11.91 -18.37 -8.18
C GLY A 325 -13.06 -17.63 -7.53
N ASP A 326 -13.31 -17.92 -6.26
CA ASP A 326 -14.41 -17.28 -5.55
C ASP A 326 -14.16 -15.79 -5.38
N THR A 327 -15.19 -14.98 -5.64
CA THR A 327 -15.09 -13.54 -5.53
C THR A 327 -16.03 -12.98 -4.46
N SER A 328 -16.53 -13.82 -3.56
CA SER A 328 -17.55 -13.34 -2.62
C SER A 328 -17.08 -12.23 -1.68
N ASN A 329 -15.77 -12.01 -1.52
CA ASN A 329 -15.28 -10.96 -0.63
C ASN A 329 -15.05 -9.64 -1.32
N PHE A 330 -15.43 -9.55 -2.61
CA PHE A 330 -15.34 -8.32 -3.37
C PHE A 330 -16.72 -7.81 -3.73
N ASP A 331 -16.79 -6.51 -3.97
CA ASP A 331 -18.01 -5.82 -4.38
C ASP A 331 -18.23 -5.97 -5.88
N ASP A 332 -19.44 -5.62 -6.31
CA ASP A 332 -19.84 -5.75 -7.69
C ASP A 332 -19.64 -4.43 -8.41
N TYR A 333 -19.07 -4.50 -9.62
CA TYR A 333 -18.80 -3.34 -10.44
C TYR A 333 -19.40 -3.54 -11.82
N GLU A 334 -19.80 -2.43 -12.43
CA GLU A 334 -20.23 -2.45 -13.82
C GLU A 334 -19.09 -2.99 -14.68
N GLU A 335 -19.41 -3.98 -15.52
CA GLU A 335 -18.41 -4.65 -16.34
C GLU A 335 -18.25 -3.91 -17.67
N GLU A 336 -17.03 -3.49 -17.99
CA GLU A 336 -16.74 -2.80 -19.23
C GLU A 336 -15.88 -3.66 -20.14
N GLU A 337 -16.13 -3.54 -21.44
CA GLU A 337 -15.39 -4.31 -22.43
C GLU A 337 -13.90 -4.05 -22.32
N ILE A 338 -13.11 -5.03 -22.74
CA ILE A 338 -11.68 -4.86 -22.99
C ILE A 338 -11.57 -4.69 -24.51
N ARG A 339 -11.47 -3.45 -24.96
CA ARG A 339 -11.45 -3.13 -26.38
C ARG A 339 -10.01 -2.98 -26.85
N VAL A 340 -9.68 -3.63 -27.97
CA VAL A 340 -8.33 -3.57 -28.54
C VAL A 340 -8.41 -3.06 -29.98
N ILE A 342 -7.59 -1.86 -33.76
CA ILE A 342 -6.84 -2.47 -34.85
C ILE A 342 -5.51 -1.74 -35.05
N ASN A 343 -5.41 -0.52 -34.53
CA ASN A 343 -4.22 0.33 -34.67
C ASN A 343 -3.50 0.48 -33.35
N GLU A 344 -2.16 0.50 -33.40
CA GLU A 344 -1.39 0.72 -32.20
C GLU A 344 -1.52 2.15 -31.70
N LYS A 345 -1.66 2.29 -30.39
CA LYS A 345 -1.72 3.60 -29.74
C LYS A 345 -0.47 3.80 -28.89
N CYS A 346 0.14 4.98 -28.99
CA CYS A 346 1.15 5.42 -28.03
C CYS A 346 2.34 4.44 -27.96
N GLY A 347 2.82 4.02 -29.12
CA GLY A 347 3.92 3.06 -29.15
C GLY A 347 5.20 3.62 -28.54
N LYS A 348 5.56 4.86 -28.91
CA LYS A 348 6.81 5.45 -28.43
C LYS A 348 6.74 5.74 -26.94
N GLU A 349 5.57 6.17 -26.45
CA GLU A 349 5.44 6.47 -25.02
C GLU A 349 5.77 5.24 -24.16
N PHE A 350 5.38 4.05 -24.61
CA PHE A 350 5.43 2.83 -23.81
C PHE A 350 6.39 1.78 -24.36
N THR A 351 7.42 2.22 -25.10
CA THR A 351 8.40 1.26 -25.64
C THR A 351 9.05 0.44 -24.54
N GLU A 352 9.31 1.05 -23.37
CA GLU A 352 10.02 0.40 -22.30
C GLU A 352 9.13 -0.52 -21.46
N PHE A 353 7.81 -0.46 -21.64
CA PHE A 353 6.90 -1.26 -20.82
C PHE A 353 6.88 -2.70 -21.32
N ALA B 3 -18.86 14.91 9.41
CA ALA B 3 -19.31 14.47 8.08
C ALA B 3 -18.12 14.23 7.15
N GLY B 4 -18.08 13.09 6.47
CA GLY B 4 -16.99 12.85 5.55
C GLY B 4 -17.25 11.65 4.65
N ARG B 5 -16.23 11.31 3.87
CA ARG B 5 -16.36 10.34 2.79
C ARG B 5 -16.22 8.92 3.32
N THR B 6 -17.29 8.12 3.21
CA THR B 6 -17.26 6.75 3.73
C THR B 6 -17.07 5.69 2.65
N GLY B 7 -17.22 6.06 1.37
CA GLY B 7 -17.01 5.14 0.27
C GLY B 7 -15.54 5.08 -0.14
N ARG B 8 -15.27 4.24 -1.15
CA ARG B 8 -13.91 4.13 -1.63
C ARG B 8 -13.41 5.47 -2.18
N ARG B 9 -12.14 5.75 -1.92
CA ARG B 9 -11.56 7.07 -2.17
C ARG B 9 -10.61 6.98 -3.35
N GLN B 10 -10.83 7.81 -4.36
CA GLN B 10 -10.00 7.84 -5.55
C GLN B 10 -8.70 8.58 -5.28
N ALA B 11 -7.62 8.13 -5.91
CA ALA B 11 -6.40 8.90 -5.83
C ALA B 11 -6.53 10.17 -6.65
N ILE B 12 -5.68 11.14 -6.34
CA ILE B 12 -5.57 12.35 -7.11
C ILE B 12 -4.18 12.36 -7.76
N HIS B 13 -4.12 12.99 -8.91
CA HIS B 13 -2.88 13.18 -9.64
C HIS B 13 -2.42 14.64 -9.59
N ASP B 14 -3.19 15.52 -8.97
CA ASP B 14 -2.84 16.94 -8.89
C ASP B 14 -3.78 17.64 -7.91
N ILE B 15 -3.31 18.79 -7.42
CA ILE B 15 -4.08 19.66 -6.55
C ILE B 15 -4.12 21.05 -7.19
#